data_6R7J
#
_entry.id   6R7J
#
_cell.length_a   62.170
_cell.length_b   62.170
_cell.length_c   158.070
_cell.angle_alpha   90.00
_cell.angle_beta   90.00
_cell.angle_gamma   90.00
#
_symmetry.space_group_name_H-M   'P 41 21 2'
#
loop_
_entity.id
_entity.type
_entity.pdbx_description
1 polymer 'Nuclear receptor ROR-gamma'
2 polymer 'SRC2 peptide'
3 non-polymer (2~{R})-2-acetamido-2-(4-ethylsulfonylphenyl)-~{N}-[4-[1,1,1,3,3,3-hexakis(fluoranyl)-2-oxidanyl-propan-2-yl]phenyl]ethanamide
4 non-polymer 'DIMETHYL SULFOXIDE'
5 non-polymer 'SODIUM ION'
6 water water
#
loop_
_entity_poly.entity_id
_entity_poly.type
_entity_poly.pdbx_seq_one_letter_code
_entity_poly.pdbx_strand_id
1 'polypeptide(L)'
;MHNHNHNHNHNHNGGENLYFQGASLTEIEHLVQSVCKSYRETCQLRLEDLLRQRSNIFSREEVTGYQRKSMWEMWERCAH
HLTEAIQYVVEFAKRLSGFMELCQNDQIVLLKAGAMEVVLVRMCRAYNADNRTVFFEGKYGGMELFRALGCSELISSIFD
FSHSLSALHFSEDEIALYTALVLINAHRPGLQEKRKVEQLQYNLELAFHHHLCKTHRQSILAKLPPKGKLRSLCSQHVER
LQIFQHLHPIVVQAAFPPLYKELFSGGGKEKHKILHRLLQDSS
;
A
2 'polypeptide(L)' KEKHKILHRLLQDSS C
#
# COMPACT_ATOMS: atom_id res chain seq x y z
N GLU A 16 14.95 -8.08 22.19
CA GLU A 16 14.77 -6.90 21.35
C GLU A 16 13.36 -6.28 21.48
N ASN A 17 12.29 -7.06 21.24
CA ASN A 17 10.92 -6.56 21.37
C ASN A 17 9.98 -7.60 22.00
N LEU A 18 9.03 -7.11 22.81
CA LEU A 18 8.03 -7.92 23.50
C LEU A 18 7.23 -8.79 22.49
N TYR A 19 6.93 -8.23 21.30
CA TYR A 19 6.14 -8.95 20.31
C TYR A 19 6.97 -9.92 19.44
N PHE A 20 8.23 -10.20 19.86
CA PHE A 20 9.09 -11.21 19.24
C PHE A 20 8.96 -12.55 20.02
N GLN A 21 8.13 -12.54 21.09
CA GLN A 21 7.80 -13.69 21.94
C GLN A 21 6.26 -13.76 22.08
N GLY A 22 5.75 -14.83 22.71
CA GLY A 22 4.33 -15.03 22.98
C GLY A 22 3.74 -13.90 23.79
N ALA A 23 2.67 -13.28 23.29
CA ALA A 23 2.08 -12.12 23.96
C ALA A 23 0.76 -12.43 24.67
N SER A 24 0.58 -11.86 25.89
CA SER A 24 -0.62 -12.01 26.70
C SER A 24 -1.80 -11.20 26.11
N LEU A 25 -3.06 -11.46 26.57
CA LEU A 25 -4.22 -10.70 26.08
C LEU A 25 -4.05 -9.18 26.27
N THR A 26 -3.58 -8.75 27.45
CA THR A 26 -3.38 -7.30 27.73
C THR A 26 -2.34 -6.69 26.77
N GLU A 27 -1.30 -7.45 26.45
CA GLU A 27 -0.26 -7.03 25.48
C GLU A 27 -0.79 -6.99 24.04
N ILE A 28 -1.78 -7.86 23.70
CA ILE A 28 -2.43 -7.89 22.37
C ILE A 28 -3.33 -6.66 22.27
N GLU A 29 -4.09 -6.34 23.36
CA GLU A 29 -4.92 -5.15 23.47
C GLU A 29 -4.09 -3.90 23.25
N HIS A 30 -2.87 -3.85 23.85
N HIS A 30 -2.88 -3.81 23.86
CA HIS A 30 -1.88 -2.78 23.74
CA HIS A 30 -2.08 -2.62 23.59
C HIS A 30 -1.34 -2.66 22.30
C HIS A 30 -1.64 -2.60 22.12
N LEU A 31 -1.25 -3.79 21.57
CA LEU A 31 -0.79 -3.87 20.19
C LEU A 31 -1.82 -3.30 19.23
N VAL A 32 -3.14 -3.53 19.50
CA VAL A 32 -4.22 -2.95 18.69
C VAL A 32 -4.12 -1.46 18.70
N GLN A 33 -4.03 -0.86 19.91
CA GLN A 33 -3.94 0.58 20.11
C GLN A 33 -2.76 1.19 19.38
N SER A 34 -1.60 0.57 19.53
CA SER A 34 -0.33 1.00 18.96
C SER A 34 -0.37 1.02 17.42
N VAL A 35 -0.83 -0.09 16.80
CA VAL A 35 -0.97 -0.19 15.34
C VAL A 35 -1.93 0.85 14.83
N CYS A 36 -3.11 1.00 15.47
CA CYS A 36 -4.04 2.02 15.05
C CYS A 36 -3.42 3.44 15.20
N LYS A 37 -2.57 3.68 16.23
CA LYS A 37 -1.94 5.01 16.39
C LYS A 37 -0.94 5.29 15.26
N SER A 38 -0.05 4.32 14.95
CA SER A 38 0.93 4.42 13.86
C SER A 38 0.24 4.73 12.52
N TYR A 39 -0.88 4.04 12.25
CA TYR A 39 -1.67 4.29 11.03
C TYR A 39 -2.26 5.69 10.98
N ARG A 40 -2.99 6.15 12.04
CA ARG A 40 -3.58 7.51 12.07
C ARG A 40 -2.51 8.59 11.77
N GLU A 41 -1.31 8.38 12.30
CA GLU A 41 -0.17 9.27 12.16
C GLU A 41 0.47 9.31 10.77
N THR A 42 0.28 8.26 9.96
CA THR A 42 0.94 8.10 8.64
C THR A 42 -0.05 7.78 7.51
N CYS A 43 -1.36 7.95 7.72
CA CYS A 43 -2.40 7.61 6.73
C CYS A 43 -2.43 8.47 5.45
N GLN A 44 -1.55 9.49 5.34
CA GLN A 44 -1.36 10.44 4.22
C GLN A 44 -2.53 11.43 4.07
N LEU A 45 -3.71 10.95 3.68
CA LEU A 45 -4.91 11.78 3.49
C LEU A 45 -5.96 11.33 4.52
N ARG A 46 -6.65 12.27 5.18
CA ARG A 46 -7.68 11.93 6.16
C ARG A 46 -8.92 11.43 5.41
N LEU A 47 -9.57 10.35 5.90
CA LEU A 47 -10.77 9.75 5.32
C LEU A 47 -11.88 10.76 5.09
N GLU A 48 -12.10 11.70 6.05
CA GLU A 48 -13.13 12.75 5.92
C GLU A 48 -12.88 13.64 4.70
N ASP A 49 -11.59 13.95 4.41
CA ASP A 49 -11.24 14.78 3.26
C ASP A 49 -11.50 13.99 1.98
N LEU A 50 -11.15 12.70 1.97
CA LEU A 50 -11.43 11.86 0.79
C LEU A 50 -12.92 11.73 0.55
N LEU A 51 -13.70 11.55 1.64
CA LEU A 51 -15.14 11.37 1.53
C LEU A 51 -15.83 12.63 1.07
N ARG A 52 -15.37 13.78 1.57
CA ARG A 52 -15.93 15.07 1.20
C ARG A 52 -15.68 15.40 -0.29
N GLN A 53 -14.51 14.99 -0.84
CA GLN A 53 -14.11 15.26 -2.22
C GLN A 53 -14.84 14.42 -3.26
N ARG A 54 -15.63 13.40 -2.83
CA ARG A 54 -16.36 12.50 -3.73
C ARG A 54 -17.26 13.20 -4.74
N SER A 55 -17.86 14.34 -4.37
CA SER A 55 -18.72 15.07 -5.32
C SER A 55 -17.87 15.87 -6.36
N ASN A 56 -16.53 15.92 -6.19
CA ASN A 56 -15.63 16.63 -7.08
C ASN A 56 -15.06 15.65 -8.12
N ILE A 57 -15.76 15.58 -9.25
CA ILE A 57 -15.45 14.64 -10.32
C ILE A 57 -14.95 15.37 -11.57
N PHE A 58 -13.89 14.82 -12.23
CA PHE A 58 -13.35 15.38 -13.47
C PHE A 58 -14.44 15.39 -14.57
N SER A 59 -14.52 16.49 -15.33
CA SER A 59 -15.49 16.64 -16.43
C SER A 59 -15.05 15.83 -17.67
N ARG A 60 -15.92 15.73 -18.70
CA ARG A 60 -15.62 15.06 -19.99
C ARG A 60 -14.35 15.69 -20.60
N GLU A 61 -14.30 17.04 -20.58
CA GLU A 61 -13.19 17.87 -21.07
C GLU A 61 -11.88 17.54 -20.31
N GLU A 62 -11.94 17.43 -18.96
CA GLU A 62 -10.75 17.12 -18.16
C GLU A 62 -10.28 15.68 -18.43
N VAL A 63 -11.22 14.73 -18.55
CA VAL A 63 -10.95 13.34 -18.86
C VAL A 63 -10.19 13.24 -20.19
N THR A 64 -10.73 13.91 -21.25
CA THR A 64 -10.13 14.00 -22.60
C THR A 64 -8.68 14.56 -22.52
N GLY A 65 -8.46 15.59 -21.70
CA GLY A 65 -7.15 16.19 -21.50
C GLY A 65 -6.16 15.18 -20.94
N TYR A 66 -6.61 14.37 -19.99
CA TYR A 66 -5.78 13.29 -19.44
C TYR A 66 -5.51 12.22 -20.48
N GLN A 67 -6.52 11.92 -21.32
CA GLN A 67 -6.37 10.92 -22.36
C GLN A 67 -5.46 11.38 -23.46
N ARG A 68 -5.35 12.71 -23.66
CA ARG A 68 -4.49 13.30 -24.69
C ARG A 68 -3.03 13.44 -24.23
N LYS A 69 -2.75 13.26 -22.92
CA LYS A 69 -1.38 13.34 -22.39
C LYS A 69 -0.52 12.23 -22.98
N SER A 70 0.78 12.46 -23.11
CA SER A 70 1.65 11.40 -23.65
C SER A 70 1.76 10.24 -22.65
N MET A 71 2.08 9.05 -23.16
CA MET A 71 2.25 7.86 -22.33
C MET A 71 3.32 8.08 -21.29
N TRP A 72 4.45 8.68 -21.69
CA TRP A 72 5.54 8.91 -20.76
C TRP A 72 5.22 10.01 -19.73
N GLU A 73 4.49 11.06 -20.10
CA GLU A 73 4.11 12.11 -19.13
C GLU A 73 3.16 11.48 -18.05
N MET A 74 2.26 10.60 -18.49
CA MET A 74 1.29 9.93 -17.61
C MET A 74 1.99 8.92 -16.68
N TRP A 75 2.95 8.13 -17.20
CA TRP A 75 3.72 7.18 -16.39
C TRP A 75 4.48 7.96 -15.32
N GLU A 76 5.13 9.08 -15.69
CA GLU A 76 5.88 9.92 -14.74
C GLU A 76 5.04 10.40 -13.57
N ARG A 77 3.89 11.04 -13.86
CA ARG A 77 2.92 11.57 -12.85
C ARG A 77 2.47 10.47 -11.90
N CYS A 78 2.11 9.31 -12.44
CA CYS A 78 1.67 8.14 -11.69
C CYS A 78 2.76 7.57 -10.80
N ALA A 79 4.00 7.44 -11.32
CA ALA A 79 5.15 6.98 -10.53
C ALA A 79 5.42 7.94 -9.38
N HIS A 80 5.36 9.26 -9.63
CA HIS A 80 5.51 10.29 -8.60
C HIS A 80 4.39 10.15 -7.51
N HIS A 81 3.09 10.03 -7.89
CA HIS A 81 2.02 9.89 -6.88
C HIS A 81 2.16 8.59 -6.08
N LEU A 82 2.59 7.48 -6.74
CA LEU A 82 2.85 6.22 -6.04
C LEU A 82 3.98 6.35 -5.03
N THR A 83 5.11 7.01 -5.41
CA THR A 83 6.27 7.24 -4.53
C THR A 83 5.84 8.01 -3.28
N GLU A 84 5.04 9.08 -3.46
CA GLU A 84 4.50 9.88 -2.35
C GLU A 84 3.78 8.96 -1.34
N ALA A 85 2.79 8.15 -1.81
CA ALA A 85 2.07 7.16 -1.00
C ALA A 85 3.04 6.20 -0.30
N ILE A 86 4.05 5.66 -1.03
CA ILE A 86 5.03 4.71 -0.49
C ILE A 86 5.80 5.30 0.65
N GLN A 87 6.14 6.59 0.55
CA GLN A 87 6.89 7.27 1.58
C GLN A 87 6.14 7.25 2.90
N TYR A 88 4.82 7.42 2.84
CA TYR A 88 3.94 7.34 3.99
C TYR A 88 3.90 5.92 4.59
N VAL A 89 3.96 4.89 3.74
CA VAL A 89 4.00 3.47 4.15
C VAL A 89 5.36 3.18 4.85
N VAL A 90 6.45 3.79 4.38
CA VAL A 90 7.76 3.65 5.03
C VAL A 90 7.69 4.22 6.47
N GLU A 91 7.07 5.38 6.66
CA GLU A 91 6.88 6.01 7.98
C GLU A 91 6.04 5.12 8.87
N PHE A 92 4.92 4.56 8.31
CA PHE A 92 4.06 3.61 9.01
C PHE A 92 4.91 2.42 9.52
N ALA A 93 5.72 1.83 8.65
CA ALA A 93 6.59 0.70 9.01
C ALA A 93 7.50 1.08 10.16
N LYS A 94 8.14 2.26 10.06
CA LYS A 94 9.06 2.74 11.08
C LYS A 94 8.38 2.92 12.42
N ARG A 95 7.09 3.31 12.45
CA ARG A 95 6.36 3.49 13.70
C ARG A 95 5.71 2.19 14.22
N LEU A 96 5.73 1.14 13.40
CA LEU A 96 5.11 -0.14 13.74
C LEU A 96 5.96 -0.91 14.78
N SER A 97 5.33 -1.36 15.92
CA SER A 97 6.02 -2.10 17.00
C SER A 97 6.76 -3.33 16.47
N GLY A 98 8.04 -3.42 16.79
CA GLY A 98 8.90 -4.51 16.36
C GLY A 98 9.64 -4.30 15.04
N PHE A 99 9.05 -3.55 14.09
CA PHE A 99 9.69 -3.32 12.79
C PHE A 99 11.11 -2.74 12.90
N MET A 100 11.33 -1.69 13.71
CA MET A 100 12.67 -1.10 13.84
C MET A 100 13.67 -1.98 14.62
N GLU A 101 13.15 -3.04 15.25
CA GLU A 101 13.95 -4.01 16.02
C GLU A 101 14.43 -5.17 15.13
N LEU A 102 13.90 -5.25 13.89
CA LEU A 102 14.36 -6.24 12.90
C LEU A 102 15.67 -5.70 12.33
N CYS A 103 16.49 -6.56 11.71
CA CYS A 103 17.74 -6.12 11.07
C CYS A 103 17.41 -5.37 9.79
N GLN A 104 18.33 -4.49 9.36
CA GLN A 104 18.15 -3.67 8.15
C GLN A 104 17.81 -4.47 6.90
N ASN A 105 18.46 -5.63 6.69
CA ASN A 105 18.20 -6.50 5.56
C ASN A 105 16.72 -6.85 5.55
N ASP A 106 16.22 -7.29 6.71
CA ASP A 106 14.84 -7.72 6.85
C ASP A 106 13.86 -6.57 6.67
N GLN A 107 14.17 -5.38 7.23
CA GLN A 107 13.33 -4.18 7.05
C GLN A 107 13.16 -3.86 5.54
N ILE A 108 14.27 -3.90 4.79
CA ILE A 108 14.34 -3.64 3.34
C ILE A 108 13.59 -4.71 2.56
N VAL A 109 13.83 -6.00 2.87
CA VAL A 109 13.11 -7.12 2.29
C VAL A 109 11.58 -6.91 2.46
N LEU A 110 11.14 -6.63 3.70
CA LEU A 110 9.73 -6.41 4.03
C LEU A 110 9.11 -5.26 3.27
N LEU A 111 9.77 -4.10 3.25
CA LEU A 111 9.27 -2.95 2.50
C LEU A 111 9.34 -3.13 1.01
N LYS A 112 10.38 -3.78 0.49
CA LYS A 112 10.44 -3.99 -0.97
C LYS A 112 9.30 -4.86 -1.45
N ALA A 113 8.96 -5.92 -0.73
CA ALA A 113 7.87 -6.80 -1.14
C ALA A 113 6.47 -6.25 -0.83
N GLY A 114 6.35 -5.50 0.27
CA GLY A 114 5.02 -5.12 0.73
C GLY A 114 4.56 -3.68 0.67
N ALA A 115 5.44 -2.71 0.38
CA ALA A 115 5.05 -1.29 0.30
C ALA A 115 3.91 -1.06 -0.71
N MET A 116 4.06 -1.59 -1.95
CA MET A 116 3.05 -1.50 -2.99
C MET A 116 1.72 -2.16 -2.59
N GLU A 117 1.80 -3.32 -1.94
CA GLU A 117 0.62 -4.05 -1.45
C GLU A 117 -0.15 -3.18 -0.43
N VAL A 118 0.57 -2.48 0.47
CA VAL A 118 -0.05 -1.61 1.48
C VAL A 118 -0.75 -0.42 0.82
N VAL A 119 -0.08 0.19 -0.16
CA VAL A 119 -0.60 1.31 -0.95
C VAL A 119 -1.91 0.88 -1.66
N LEU A 120 -1.91 -0.30 -2.30
CA LEU A 120 -3.10 -0.83 -2.98
C LEU A 120 -4.28 -1.00 -2.02
N VAL A 121 -4.01 -1.52 -0.82
CA VAL A 121 -5.01 -1.69 0.24
C VAL A 121 -5.53 -0.30 0.74
N ARG A 122 -4.62 0.63 1.10
CA ARG A 122 -4.91 2.00 1.53
C ARG A 122 -5.79 2.73 0.50
N MET A 123 -5.52 2.53 -0.81
CA MET A 123 -6.24 3.13 -1.97
C MET A 123 -7.74 2.92 -1.96
N CYS A 124 -8.23 1.78 -1.38
CA CYS A 124 -9.67 1.53 -1.33
C CYS A 124 -10.44 2.68 -0.63
N ARG A 125 -9.79 3.40 0.33
CA ARG A 125 -10.31 4.60 1.03
C ARG A 125 -10.61 5.74 0.04
N ALA A 126 -9.78 5.82 -1.02
CA ALA A 126 -9.83 6.83 -2.10
C ALA A 126 -10.64 6.39 -3.28
N TYR A 127 -11.27 5.20 -3.18
CA TYR A 127 -12.08 4.63 -4.23
C TYR A 127 -13.53 4.72 -3.82
N ASN A 128 -14.35 5.19 -4.75
CA ASN A 128 -15.77 5.37 -4.61
C ASN A 128 -16.50 4.28 -5.43
N ALA A 129 -17.04 3.28 -4.72
CA ALA A 129 -17.76 2.12 -5.27
C ALA A 129 -19.05 2.48 -6.01
N ASP A 130 -19.70 3.61 -5.64
CA ASP A 130 -20.93 4.15 -6.22
C ASP A 130 -20.81 4.54 -7.68
N ASN A 131 -19.69 5.18 -8.08
CA ASN A 131 -19.52 5.59 -9.47
C ASN A 131 -18.22 5.03 -10.11
N ARG A 132 -17.51 4.17 -9.37
CA ARG A 132 -16.28 3.49 -9.80
C ARG A 132 -15.17 4.51 -10.19
N THR A 133 -14.89 5.45 -9.27
CA THR A 133 -13.88 6.48 -9.47
C THR A 133 -12.85 6.46 -8.34
N VAL A 134 -11.65 6.94 -8.64
CA VAL A 134 -10.55 7.04 -7.69
C VAL A 134 -10.06 8.51 -7.57
N PHE A 135 -9.66 8.92 -6.36
CA PHE A 135 -9.09 10.24 -6.11
C PHE A 135 -7.70 10.30 -6.77
N PHE A 136 -7.55 11.22 -7.72
CA PHE A 136 -6.32 11.40 -8.44
C PHE A 136 -6.17 12.87 -8.81
N GLU A 137 -5.06 13.49 -8.36
CA GLU A 137 -4.72 14.88 -8.68
C GLU A 137 -5.88 15.87 -8.43
N GLY A 138 -6.43 15.82 -7.23
CA GLY A 138 -7.45 16.75 -6.76
C GLY A 138 -8.91 16.44 -7.02
N LYS A 139 -9.23 15.49 -7.93
CA LYS A 139 -10.62 15.13 -8.25
C LYS A 139 -10.80 13.60 -8.39
N TYR A 140 -12.05 13.16 -8.65
CA TYR A 140 -12.37 11.74 -8.83
C TYR A 140 -12.54 11.44 -10.31
N GLY A 141 -11.85 10.42 -10.78
CA GLY A 141 -11.95 10.00 -12.17
C GLY A 141 -12.00 8.49 -12.27
N GLY A 142 -12.64 7.99 -13.33
CA GLY A 142 -12.78 6.57 -13.60
C GLY A 142 -11.54 6.01 -14.26
N MET A 143 -11.53 4.71 -14.54
CA MET A 143 -10.35 4.10 -15.15
C MET A 143 -10.02 4.69 -16.52
N GLU A 144 -11.02 5.30 -17.21
CA GLU A 144 -10.83 5.97 -18.50
C GLU A 144 -9.84 7.15 -18.41
N LEU A 145 -9.59 7.65 -17.18
CA LEU A 145 -8.67 8.76 -16.95
C LEU A 145 -7.21 8.35 -17.23
N PHE A 146 -6.91 7.05 -17.06
CA PHE A 146 -5.56 6.47 -17.15
C PHE A 146 -5.27 5.76 -18.48
N ARG A 147 -6.15 5.95 -19.49
CA ARG A 147 -6.05 5.33 -20.80
C ARG A 147 -4.72 5.57 -21.53
N ALA A 148 -4.07 6.72 -21.32
CA ALA A 148 -2.80 7.04 -21.95
C ALA A 148 -1.61 6.16 -21.49
N LEU A 149 -1.69 5.55 -20.27
CA LEU A 149 -0.66 4.65 -19.71
C LEU A 149 -0.41 3.41 -20.56
N GLY A 150 -1.44 2.96 -21.26
CA GLY A 150 -1.35 1.75 -22.07
C GLY A 150 -1.19 0.50 -21.22
N CYS A 151 -1.89 0.44 -20.05
CA CYS A 151 -1.93 -0.73 -19.17
C CYS A 151 -3.36 -0.89 -18.61
N SER A 152 -4.34 -0.94 -19.52
CA SER A 152 -5.76 -1.05 -19.19
C SER A 152 -6.11 -2.28 -18.34
N GLU A 153 -5.44 -3.41 -18.55
CA GLU A 153 -5.69 -4.63 -17.74
C GLU A 153 -5.27 -4.41 -16.30
N LEU A 154 -4.09 -3.78 -16.08
CA LEU A 154 -3.60 -3.47 -14.74
C LEU A 154 -4.52 -2.47 -14.02
N ILE A 155 -4.90 -1.37 -14.69
CA ILE A 155 -5.81 -0.35 -14.15
C ILE A 155 -7.15 -0.96 -13.74
N SER A 156 -7.76 -1.77 -14.62
CA SER A 156 -9.04 -2.42 -14.31
C SER A 156 -8.94 -3.42 -13.17
N SER A 157 -7.79 -4.12 -13.03
CA SER A 157 -7.52 -5.08 -11.95
C SER A 157 -7.39 -4.36 -10.63
N ILE A 158 -6.82 -3.14 -10.66
CA ILE A 158 -6.68 -2.30 -9.48
C ILE A 158 -8.03 -1.73 -9.07
N PHE A 159 -8.85 -1.34 -10.05
CA PHE A 159 -10.17 -0.80 -9.75
C PHE A 159 -11.06 -1.89 -9.15
N ASP A 160 -11.00 -3.11 -9.72
CA ASP A 160 -11.80 -4.25 -9.24
C ASP A 160 -11.44 -4.65 -7.83
N PHE A 161 -10.14 -4.61 -7.54
CA PHE A 161 -9.60 -4.91 -6.23
C PHE A 161 -10.12 -3.91 -5.23
N SER A 162 -10.07 -2.59 -5.58
CA SER A 162 -10.56 -1.52 -4.72
C SER A 162 -12.07 -1.67 -4.52
N HIS A 163 -12.78 -2.08 -5.56
CA HIS A 163 -14.23 -2.29 -5.48
C HIS A 163 -14.56 -3.40 -4.48
N SER A 164 -13.80 -4.50 -4.51
CA SER A 164 -14.01 -5.64 -3.64
C SER A 164 -13.67 -5.27 -2.18
N LEU A 165 -12.61 -4.47 -1.94
CA LEU A 165 -12.33 -3.99 -0.59
C LEU A 165 -13.39 -3.02 -0.07
N SER A 166 -13.88 -2.10 -0.93
CA SER A 166 -14.92 -1.12 -0.57
C SER A 166 -16.22 -1.79 -0.12
N ALA A 167 -16.53 -2.98 -0.67
CA ALA A 167 -17.74 -3.76 -0.35
C ALA A 167 -17.70 -4.34 1.07
N LEU A 168 -16.52 -4.34 1.69
CA LEU A 168 -16.29 -4.81 3.06
C LEU A 168 -16.58 -3.72 4.08
N HIS A 169 -16.69 -2.44 3.63
CA HIS A 169 -16.89 -1.27 4.49
C HIS A 169 -15.85 -1.23 5.61
N PHE A 170 -14.59 -1.29 5.21
CA PHE A 170 -13.45 -1.25 6.11
C PHE A 170 -13.42 0.03 6.92
N SER A 171 -13.24 -0.09 8.24
CA SER A 171 -13.03 1.06 9.10
C SER A 171 -11.51 1.38 8.99
N GLU A 172 -11.09 2.56 9.49
CA GLU A 172 -9.70 3.00 9.53
C GLU A 172 -8.87 2.05 10.38
N ASP A 173 -9.40 1.64 11.55
CA ASP A 173 -8.72 0.70 12.47
C ASP A 173 -8.51 -0.65 11.79
N GLU A 174 -9.50 -1.13 11.02
CA GLU A 174 -9.40 -2.37 10.25
C GLU A 174 -8.32 -2.26 9.19
N ILE A 175 -8.29 -1.13 8.43
CA ILE A 175 -7.22 -0.87 7.46
C ILE A 175 -5.86 -0.87 8.17
N ALA A 176 -5.79 -0.22 9.34
CA ALA A 176 -4.54 -0.14 10.13
C ALA A 176 -3.96 -1.54 10.45
N LEU A 177 -4.81 -2.41 11.01
CA LEU A 177 -4.43 -3.77 11.44
C LEU A 177 -4.19 -4.71 10.27
N TYR A 178 -4.98 -4.62 9.20
CA TYR A 178 -4.81 -5.45 8.01
C TYR A 178 -3.51 -5.09 7.26
N THR A 179 -3.24 -3.79 7.04
CA THR A 179 -1.98 -3.38 6.38
C THR A 179 -0.74 -3.70 7.20
N ALA A 180 -0.84 -3.68 8.55
CA ALA A 180 0.31 -4.03 9.40
C ALA A 180 0.69 -5.49 9.12
N LEU A 181 -0.36 -6.31 8.90
CA LEU A 181 -0.26 -7.72 8.58
C LEU A 181 0.30 -7.96 7.18
N VAL A 182 -0.14 -7.17 6.17
CA VAL A 182 0.36 -7.25 4.79
C VAL A 182 1.90 -7.05 4.76
N LEU A 183 2.41 -6.07 5.54
CA LEU A 183 3.83 -5.72 5.68
C LEU A 183 4.68 -6.77 6.43
N ILE A 184 4.20 -7.22 7.60
CA ILE A 184 4.93 -8.19 8.45
C ILE A 184 4.48 -9.58 8.03
N ASN A 185 5.11 -10.07 6.93
CA ASN A 185 4.86 -11.36 6.29
C ASN A 185 6.15 -12.17 6.38
N ALA A 186 6.15 -13.22 7.19
CA ALA A 186 7.38 -13.99 7.40
C ALA A 186 7.70 -14.96 6.27
N HIS A 187 6.87 -14.97 5.21
CA HIS A 187 7.10 -15.80 4.04
C HIS A 187 7.86 -15.05 2.96
N ARG A 188 8.21 -13.76 3.18
CA ARG A 188 8.95 -13.02 2.17
C ARG A 188 10.31 -13.64 1.92
N PRO A 189 10.62 -13.97 0.64
CA PRO A 189 11.97 -14.51 0.36
C PRO A 189 13.06 -13.51 0.77
N GLY A 190 14.13 -14.02 1.37
CA GLY A 190 15.29 -13.21 1.74
C GLY A 190 15.35 -12.72 3.16
N LEU A 191 14.37 -13.10 4.00
CA LEU A 191 14.35 -12.73 5.42
C LEU A 191 15.37 -13.56 6.16
N GLN A 192 16.25 -12.89 6.90
CA GLN A 192 17.32 -13.55 7.67
C GLN A 192 16.88 -13.95 9.08
N GLU A 193 16.04 -13.12 9.73
CA GLU A 193 15.50 -13.43 11.05
C GLU A 193 14.03 -13.86 10.92
N LYS A 194 13.82 -14.97 10.19
CA LYS A 194 12.51 -15.52 9.86
C LYS A 194 11.62 -15.81 11.08
N ARG A 195 12.19 -16.43 12.14
CA ARG A 195 11.44 -16.76 13.36
C ARG A 195 10.96 -15.51 14.07
N LYS A 196 11.79 -14.44 14.07
CA LYS A 196 11.47 -13.16 14.70
C LYS A 196 10.26 -12.55 13.99
N VAL A 197 10.28 -12.58 12.64
CA VAL A 197 9.16 -12.06 11.82
C VAL A 197 7.91 -12.89 11.99
N GLU A 198 8.05 -14.21 12.14
CA GLU A 198 6.91 -15.12 12.34
C GLU A 198 6.19 -14.79 13.64
N GLN A 199 6.94 -14.51 14.72
CA GLN A 199 6.31 -14.23 16.00
C GLN A 199 5.63 -12.88 15.98
N LEU A 200 6.29 -11.91 15.35
CA LEU A 200 5.71 -10.58 15.16
C LEU A 200 4.42 -10.69 14.30
N GLN A 201 4.46 -11.52 13.22
CA GLN A 201 3.30 -11.75 12.35
C GLN A 201 2.11 -12.35 13.16
N TYR A 202 2.42 -13.35 14.01
CA TYR A 202 1.44 -14.04 14.86
C TYR A 202 0.75 -13.06 15.82
N ASN A 203 1.51 -12.18 16.48
CA ASN A 203 0.91 -11.20 17.40
C ASN A 203 0.04 -10.16 16.68
N LEU A 204 0.47 -9.72 15.48
CA LEU A 204 -0.31 -8.79 14.67
C LEU A 204 -1.56 -9.46 14.14
N GLU A 205 -1.51 -10.80 13.91
CA GLU A 205 -2.72 -11.56 13.45
C GLU A 205 -3.72 -11.57 14.62
N LEU A 206 -3.23 -11.87 15.84
CA LEU A 206 -4.02 -11.87 17.06
C LEU A 206 -4.64 -10.51 17.30
N ALA A 207 -3.82 -9.42 17.13
CA ALA A 207 -4.28 -8.04 17.31
C ALA A 207 -5.47 -7.75 16.37
N PHE A 208 -5.30 -8.10 15.06
CA PHE A 208 -6.35 -7.90 14.06
C PHE A 208 -7.62 -8.70 14.38
N HIS A 209 -7.45 -9.99 14.65
CA HIS A 209 -8.57 -10.90 14.93
C HIS A 209 -9.27 -10.57 16.22
N HIS A 210 -8.51 -10.07 17.21
CA HIS A 210 -9.05 -9.62 18.48
C HIS A 210 -9.94 -8.41 18.23
N HIS A 211 -9.46 -7.42 17.46
CA HIS A 211 -10.24 -6.22 17.17
C HIS A 211 -11.53 -6.59 16.42
N LEU A 212 -11.48 -7.52 15.44
CA LEU A 212 -12.68 -7.96 14.71
C LEU A 212 -13.65 -8.72 15.64
N CYS A 213 -13.12 -9.51 16.59
CA CYS A 213 -13.95 -10.23 17.55
C CYS A 213 -14.72 -9.21 18.41
N LYS A 214 -13.97 -8.24 18.96
CA LYS A 214 -14.43 -7.15 19.84
C LYS A 214 -15.49 -6.24 19.18
N THR A 215 -15.44 -6.07 17.87
CA THR A 215 -16.38 -5.22 17.10
C THR A 215 -17.41 -6.03 16.29
N HIS A 216 -17.47 -7.36 16.51
CA HIS A 216 -18.38 -8.29 15.80
C HIS A 216 -18.22 -8.18 14.26
N ARG A 217 -16.98 -8.20 13.80
CA ARG A 217 -16.63 -8.07 12.39
C ARG A 217 -15.86 -9.30 11.88
N GLN A 218 -16.00 -10.46 12.55
CA GLN A 218 -15.31 -11.68 12.13
C GLN A 218 -15.83 -12.24 10.80
N SER A 219 -17.05 -11.86 10.39
CA SER A 219 -17.66 -12.24 9.12
C SER A 219 -16.79 -11.82 7.90
N ILE A 220 -15.90 -10.83 8.06
CA ILE A 220 -15.05 -10.38 6.93
C ILE A 220 -13.83 -11.28 6.72
N LEU A 221 -13.41 -12.10 7.73
CA LEU A 221 -12.26 -13.02 7.62
C LEU A 221 -12.25 -13.83 6.33
N ALA A 222 -13.38 -14.47 6.02
CA ALA A 222 -13.56 -15.26 4.80
C ALA A 222 -13.69 -14.39 3.52
N LYS A 223 -13.94 -13.07 3.66
CA LYS A 223 -14.16 -12.12 2.54
C LYS A 223 -12.92 -11.32 2.10
N LEU A 224 -11.85 -11.45 2.84
CA LEU A 224 -10.59 -10.76 2.56
C LEU A 224 -9.93 -11.41 1.33
N PRO A 225 -9.20 -10.64 0.49
CA PRO A 225 -8.60 -11.26 -0.70
C PRO A 225 -7.51 -12.28 -0.37
N PRO A 226 -7.26 -13.26 -1.26
CA PRO A 226 -6.13 -14.20 -1.01
C PRO A 226 -4.79 -13.46 -1.19
N LYS A 227 -3.67 -13.96 -0.59
CA LYS A 227 -2.34 -13.32 -0.74
C LYS A 227 -1.90 -13.26 -2.22
N GLY A 228 -2.34 -14.28 -2.98
CA GLY A 228 -2.08 -14.39 -4.41
C GLY A 228 -2.65 -13.23 -5.19
N LYS A 229 -3.76 -12.61 -4.71
CA LYS A 229 -4.38 -11.47 -5.36
C LYS A 229 -3.45 -10.26 -5.33
N LEU A 230 -2.94 -9.87 -4.14
CA LEU A 230 -2.01 -8.73 -3.99
C LEU A 230 -0.68 -8.97 -4.69
N ARG A 231 -0.20 -10.23 -4.68
CA ARG A 231 1.03 -10.64 -5.36
C ARG A 231 0.84 -10.50 -6.88
N SER A 232 -0.35 -10.90 -7.41
CA SER A 232 -0.67 -10.82 -8.83
C SER A 232 -0.65 -9.34 -9.31
N LEU A 233 -1.29 -8.46 -8.53
CA LEU A 233 -1.33 -7.03 -8.82
C LEU A 233 0.05 -6.42 -8.84
N CYS A 234 0.94 -6.81 -7.89
CA CYS A 234 2.31 -6.29 -7.81
C CYS A 234 3.17 -6.79 -8.94
N SER A 235 2.95 -8.06 -9.35
CA SER A 235 3.65 -8.72 -10.46
C SER A 235 3.27 -8.02 -11.76
N GLN A 236 1.96 -7.75 -11.96
CA GLN A 236 1.45 -7.03 -13.12
C GLN A 236 2.07 -5.62 -13.20
N HIS A 237 2.16 -4.88 -12.06
CA HIS A 237 2.75 -3.55 -11.98
C HIS A 237 4.19 -3.60 -12.48
N VAL A 238 4.97 -4.56 -11.95
CA VAL A 238 6.35 -4.74 -12.30
C VAL A 238 6.49 -5.07 -13.80
N GLU A 239 5.65 -5.97 -14.33
CA GLU A 239 5.66 -6.35 -15.75
C GLU A 239 5.30 -5.17 -16.70
N ARG A 240 4.27 -4.36 -16.38
CA ARG A 240 3.91 -3.20 -17.21
C ARG A 240 4.99 -2.11 -17.18
N LEU A 241 5.70 -1.95 -16.03
CA LEU A 241 6.80 -0.98 -15.89
C LEU A 241 7.98 -1.46 -16.80
N GLN A 242 8.22 -2.77 -16.87
CA GLN A 242 9.30 -3.30 -17.73
C GLN A 242 9.00 -2.99 -19.20
N ILE A 243 7.74 -3.16 -19.62
CA ILE A 243 7.28 -2.85 -20.99
C ILE A 243 7.50 -1.33 -21.27
N PHE A 244 7.11 -0.47 -20.32
CA PHE A 244 7.25 0.98 -20.47
C PHE A 244 8.71 1.36 -20.59
N GLN A 245 9.56 0.77 -19.74
CA GLN A 245 10.98 1.00 -19.65
C GLN A 245 11.67 0.72 -20.98
N HIS A 246 11.26 -0.35 -21.68
CA HIS A 246 11.79 -0.72 -22.99
C HIS A 246 11.43 0.36 -24.04
N LEU A 247 10.23 0.94 -23.94
CA LEU A 247 9.77 1.99 -24.84
C LEU A 247 10.40 3.34 -24.57
N HIS A 248 10.58 3.71 -23.26
CA HIS A 248 11.09 5.01 -22.87
C HIS A 248 12.18 4.88 -21.81
N PRO A 249 13.31 4.22 -22.14
CA PRO A 249 14.35 3.99 -21.11
C PRO A 249 14.91 5.23 -20.45
N ILE A 250 15.09 6.33 -21.20
CA ILE A 250 15.66 7.58 -20.67
C ILE A 250 14.66 8.28 -19.78
N VAL A 251 13.33 8.13 -20.03
CA VAL A 251 12.29 8.71 -19.16
C VAL A 251 12.43 8.08 -17.77
N VAL A 252 12.54 6.76 -17.71
CA VAL A 252 12.73 6.03 -16.43
C VAL A 252 14.03 6.43 -15.78
N GLN A 253 15.12 6.38 -16.54
CA GLN A 253 16.44 6.72 -16.01
C GLN A 253 16.55 8.19 -15.52
N ALA A 254 15.99 9.18 -16.25
CA ALA A 254 16.10 10.60 -15.89
C ALA A 254 14.97 11.20 -15.05
N ALA A 255 13.72 10.77 -15.25
CA ALA A 255 12.58 11.43 -14.59
C ALA A 255 11.72 10.57 -13.64
N PHE A 256 12.09 9.32 -13.38
CA PHE A 256 11.31 8.50 -12.44
C PHE A 256 11.93 8.64 -11.03
N PRO A 257 11.11 8.70 -9.96
CA PRO A 257 11.67 8.86 -8.61
C PRO A 257 12.68 7.77 -8.22
N PRO A 258 13.84 8.10 -7.61
CA PRO A 258 14.80 7.05 -7.25
C PRO A 258 14.22 5.94 -6.36
N LEU A 259 13.34 6.28 -5.39
CA LEU A 259 12.72 5.30 -4.51
C LEU A 259 11.86 4.31 -5.32
N TYR A 260 11.08 4.84 -6.30
CA TYR A 260 10.24 4.02 -7.18
C TYR A 260 11.15 3.03 -7.94
N LYS A 261 12.28 3.51 -8.46
CA LYS A 261 13.23 2.65 -9.18
C LYS A 261 13.86 1.59 -8.26
N GLU A 262 14.18 1.96 -6.99
CA GLU A 262 14.74 1.01 -6.00
C GLU A 262 13.77 -0.15 -5.73
N LEU A 263 12.46 0.13 -5.71
CA LEU A 263 11.47 -0.90 -5.41
C LEU A 263 10.99 -1.74 -6.61
N PHE A 264 10.85 -1.14 -7.80
CA PHE A 264 10.24 -1.84 -8.93
C PHE A 264 11.15 -2.12 -10.15
N SER A 265 12.35 -1.52 -10.21
CA SER A 265 13.25 -1.80 -11.33
C SER A 265 14.70 -2.10 -10.88
N GLY A 266 14.84 -2.59 -9.65
CA GLY A 266 16.11 -2.97 -9.03
C GLY A 266 17.18 -1.90 -8.88
N GLY A 267 16.76 -0.63 -8.85
CA GLY A 267 17.66 0.50 -8.69
C GLY A 267 17.72 1.41 -9.89
N LYS B 3 21.64 2.51 -9.80
CA LYS B 3 21.97 1.83 -8.54
C LYS B 3 21.46 2.63 -7.32
N HIS B 4 20.20 3.14 -7.40
CA HIS B 4 19.56 3.94 -6.35
C HIS B 4 19.23 3.14 -5.08
N LYS B 5 19.62 3.67 -3.91
CA LYS B 5 19.37 3.10 -2.57
C LYS B 5 18.93 4.21 -1.63
N ILE B 6 17.61 4.43 -1.55
CA ILE B 6 16.95 5.50 -0.78
C ILE B 6 16.35 4.96 0.53
N LEU B 7 15.92 3.67 0.53
CA LEU B 7 15.30 3.02 1.69
C LEU B 7 16.18 3.08 2.91
N HIS B 8 17.47 2.74 2.77
CA HIS B 8 18.42 2.78 3.89
C HIS B 8 18.52 4.19 4.48
N ARG B 9 18.44 5.23 3.63
CA ARG B 9 18.46 6.62 4.06
C ARG B 9 17.18 6.94 4.85
N LEU B 10 16.00 6.59 4.30
CA LEU B 10 14.72 6.85 5.00
C LEU B 10 14.65 6.11 6.32
N LEU B 11 15.18 4.87 6.36
CA LEU B 11 15.17 4.04 7.56
C LEU B 11 16.10 4.59 8.65
N GLN B 12 17.21 5.24 8.25
CA GLN B 12 18.21 5.83 9.16
C GLN B 12 17.84 7.26 9.63
N ASP B 13 16.90 7.93 8.94
CA ASP B 13 16.53 9.31 9.25
C ASP B 13 15.54 9.46 10.42
N SER B 14 16.07 9.88 11.59
CA SER B 14 15.30 10.11 12.83
C SER B 14 15.30 11.58 13.24
#